data_4XJ6
#
_entry.id   4XJ6
#
_cell.length_a   136.070
_cell.length_b   46.300
_cell.length_c   62.560
_cell.angle_alpha   90.00
_cell.angle_beta   110.61
_cell.angle_gamma   90.00
#
_symmetry.space_group_name_H-M   'C 1 2 1'
#
loop_
_entity.id
_entity.type
_entity.pdbx_description
1 polymer 'VC0179-like protein'
2 non-polymer 'MAGNESIUM ION'
3 non-polymer "3'-DEOXY-GUANOSINE-5'-TRIPHOSPHATE"
4 water water
#
_entity_poly.entity_id   1
_entity_poly.type   'polypeptide(L)'
_entity_poly.pdbx_seq_one_letter_code
;MPWDFNNYYSHNMDGLISKLKLSKTESDKLKALRQIVRERTRDVFQEARQVAIDVRRQALTLESVRLKLEKTNVRYLSPE
ERADLARLIFEMEDEARDDFIKFQPRFWTQGSFQYDTLNRPFHPGQEMDIDDGTYMPMTVFESEPSIGHTLLLLLVDTSL
KSLEAENDGWVFEEKNTCGRIKIYREKTHIDVPMYAIPKEQFQKKQTAADSAHLIKSDSVFESFALNRGGREAYAVESDK
VNLALREGVRRWSVSDPKIVEDWFNESCKRIGGHLRSVCRFMKAWRDAQWEVGGPSSISLMTAVVNILDRESHNGSDLTG
TMKLIARLLPEEFNRGVESPDDTDEKPLFPAESNHNVHHRAIVETMEGLYGILLAAEQSESREEALRKINEAFGKRVTNA
LLITSSA
;
_entity_poly.pdbx_strand_id   A
#
# COMPACT_ATOMS: atom_id res chain seq x y z
N PRO A 2 -25.51 -12.75 26.84
CA PRO A 2 -24.40 -11.97 26.26
C PRO A 2 -24.85 -11.14 25.07
N TRP A 3 -24.04 -10.16 24.69
CA TRP A 3 -24.41 -9.24 23.62
C TRP A 3 -23.95 -9.72 22.24
N ASP A 4 -24.81 -9.51 21.25
CA ASP A 4 -24.47 -9.78 19.86
C ASP A 4 -23.99 -8.49 19.21
N PHE A 5 -22.95 -8.57 18.39
CA PHE A 5 -22.35 -7.39 17.79
C PHE A 5 -22.45 -7.36 16.27
N ASN A 6 -23.28 -8.24 15.71
CA ASN A 6 -23.43 -8.34 14.25
C ASN A 6 -23.87 -7.03 13.60
N ASN A 7 -24.75 -6.29 14.27
CA ASN A 7 -25.20 -5.00 13.77
C ASN A 7 -24.19 -3.89 14.07
N TYR A 8 -23.46 -4.03 15.17
CA TYR A 8 -22.36 -3.13 15.47
C TYR A 8 -21.37 -3.15 14.31
N TYR A 9 -21.12 -4.35 13.80
CA TYR A 9 -20.14 -4.55 12.74
C TYR A 9 -20.64 -4.13 11.36
N SER A 10 -21.86 -4.51 11.01
CA SER A 10 -22.29 -4.50 9.61
C SER A 10 -23.50 -3.65 9.27
N HIS A 11 -24.09 -2.95 10.24
CA HIS A 11 -25.28 -2.15 9.97
C HIS A 11 -24.95 -1.00 9.03
N ASN A 12 -25.83 -0.73 8.07
CA ASN A 12 -25.60 0.34 7.11
C ASN A 12 -25.55 1.71 7.77
N MET A 13 -24.72 2.58 7.19
CA MET A 13 -24.58 3.98 7.62
C MET A 13 -24.01 4.18 9.04
N ASP A 14 -24.45 3.38 10.02
CA ASP A 14 -24.00 3.59 11.38
C ASP A 14 -23.14 2.45 11.94
N GLY A 15 -23.05 1.34 11.23
CA GLY A 15 -22.22 0.22 11.64
C GLY A 15 -20.76 0.45 11.35
N LEU A 16 -19.91 -0.48 11.77
CA LEU A 16 -18.46 -0.34 11.64
C LEU A 16 -17.99 -0.33 10.19
N ILE A 17 -18.59 -1.19 9.37
CA ILE A 17 -18.24 -1.26 7.95
C ILE A 17 -18.56 0.07 7.26
N SER A 18 -19.61 0.74 7.72
CA SER A 18 -20.01 2.02 7.17
C SER A 18 -19.03 3.12 7.57
N LYS A 19 -18.47 3.00 8.77
CA LYS A 19 -17.49 3.95 9.26
C LYS A 19 -16.15 3.76 8.56
N LEU A 20 -15.90 2.53 8.10
CA LEU A 20 -14.63 2.19 7.48
C LEU A 20 -14.64 2.42 5.97
N LYS A 21 -15.66 1.93 5.29
CA LYS A 21 -15.70 1.96 3.84
C LYS A 21 -15.98 3.35 3.30
N LEU A 22 -15.28 3.72 2.23
CA LEU A 22 -15.44 5.01 1.57
C LEU A 22 -16.71 5.04 0.74
N SER A 23 -17.32 6.21 0.63
CA SER A 23 -18.45 6.39 -0.28
C SER A 23 -17.93 6.60 -1.70
N LYS A 24 -18.83 6.61 -2.67
CA LYS A 24 -18.43 6.81 -4.06
C LYS A 24 -17.80 8.18 -4.24
N THR A 25 -18.33 9.17 -3.51
CA THR A 25 -17.79 10.53 -3.54
C THR A 25 -16.34 10.57 -3.10
N GLU A 26 -16.07 9.92 -1.98
CA GLU A 26 -14.72 9.85 -1.42
C GLU A 26 -13.77 9.10 -2.34
N SER A 27 -14.25 8.00 -2.92
CA SER A 27 -13.45 7.21 -3.84
C SER A 27 -13.08 8.03 -5.08
N ASP A 28 -14.07 8.75 -5.62
CA ASP A 28 -13.86 9.61 -6.78
C ASP A 28 -12.83 10.69 -6.47
N LYS A 29 -12.78 11.13 -5.22
CA LYS A 29 -11.80 12.12 -4.80
C LYS A 29 -10.39 11.53 -4.87
N LEU A 30 -10.25 10.30 -4.39
CA LEU A 30 -8.96 9.61 -4.41
C LEU A 30 -8.51 9.34 -5.84
N LYS A 31 -9.46 9.01 -6.70
CA LYS A 31 -9.17 8.79 -8.12
C LYS A 31 -8.66 10.08 -8.77
N ALA A 32 -9.30 11.19 -8.43
CA ALA A 32 -8.92 12.49 -8.95
C ALA A 32 -7.53 12.88 -8.47
N LEU A 33 -7.24 12.56 -7.21
CA LEU A 33 -5.91 12.81 -6.64
C LEU A 33 -4.87 11.93 -7.33
N ARG A 34 -5.22 10.68 -7.58
CA ARG A 34 -4.34 9.73 -8.26
C ARG A 34 -4.06 10.20 -9.69
N GLN A 35 -5.09 10.74 -10.34
CA GLN A 35 -4.97 11.19 -11.72
C GLN A 35 -3.98 12.36 -11.84
N ILE A 36 -3.99 13.24 -10.85
CA ILE A 36 -3.04 14.35 -10.79
C ILE A 36 -1.60 13.86 -10.80
N VAL A 37 -1.34 12.81 -10.01
CA VAL A 37 0.01 12.24 -9.91
C VAL A 37 0.39 11.51 -11.20
N ARG A 38 -0.57 10.80 -11.77
CA ARG A 38 -0.34 10.06 -13.01
C ARG A 38 0.00 11.00 -14.16
N GLU A 39 -0.78 12.06 -14.32
CA GLU A 39 -0.59 13.02 -15.39
C GLU A 39 0.75 13.74 -15.28
N ARG A 40 1.15 14.04 -14.05
CA ARG A 40 2.43 14.71 -13.80
C ARG A 40 3.60 13.78 -14.13
N THR A 41 3.48 12.51 -13.75
CA THR A 41 4.52 11.53 -14.04
C THR A 41 4.61 11.28 -15.54
N ARG A 42 3.46 11.29 -16.21
CA ARG A 42 3.44 11.20 -17.67
C ARG A 42 4.21 12.35 -18.29
N ASP A 43 3.93 13.56 -17.81
CA ASP A 43 4.62 14.76 -18.26
C ASP A 43 6.13 14.65 -18.07
N VAL A 44 6.54 14.27 -16.86
CA VAL A 44 7.95 14.15 -16.52
C VAL A 44 8.65 13.15 -17.44
N PHE A 45 8.03 11.99 -17.64
CA PHE A 45 8.57 10.98 -18.53
C PHE A 45 8.65 11.49 -19.96
N GLN A 46 7.63 12.22 -20.39
CA GLN A 46 7.61 12.80 -21.74
C GLN A 46 8.72 13.82 -21.90
N GLU A 47 8.87 14.70 -20.91
CA GLU A 47 9.92 15.71 -20.92
C GLU A 47 11.30 15.08 -20.97
N ALA A 48 11.47 14.01 -20.19
CA ALA A 48 12.73 13.28 -20.15
C ALA A 48 12.99 12.57 -21.47
N ARG A 49 11.94 12.00 -22.04
CA ARG A 49 12.04 11.29 -23.32
C ARG A 49 12.47 12.22 -24.44
N GLN A 50 11.91 13.43 -24.44
CA GLN A 50 12.24 14.44 -25.45
C GLN A 50 13.73 14.78 -25.42
N VAL A 51 14.26 14.97 -24.22
CA VAL A 51 15.68 15.27 -24.04
C VAL A 51 16.51 14.05 -24.42
N ALA A 52 16.01 12.86 -24.08
CA ALA A 52 16.64 11.60 -24.45
C ALA A 52 16.73 11.48 -25.97
N ILE A 53 15.70 11.97 -26.66
CA ILE A 53 15.71 12.00 -28.11
C ILE A 53 16.79 12.96 -28.60
N ASP A 54 16.73 14.19 -28.10
CA ASP A 54 17.63 15.25 -28.53
C ASP A 54 19.11 14.93 -28.31
N VAL A 55 19.40 14.11 -27.30
CA VAL A 55 20.78 13.71 -26.99
C VAL A 55 21.46 13.08 -28.20
N ARG A 56 20.88 12.00 -28.72
CA ARG A 56 21.48 11.30 -29.85
C ARG A 56 21.13 12.00 -31.15
N ARG A 57 20.02 12.72 -31.16
CA ARG A 57 19.56 13.39 -32.36
C ARG A 57 20.44 14.61 -32.67
N GLN A 58 20.69 15.43 -31.66
CA GLN A 58 21.39 16.70 -31.87
C GLN A 58 22.82 16.69 -31.31
N ALA A 59 23.31 15.51 -30.95
CA ALA A 59 24.67 15.33 -30.44
C ALA A 59 24.99 16.29 -29.30
N LEU A 60 24.05 16.39 -28.36
CA LEU A 60 24.14 17.35 -27.26
C LEU A 60 25.32 17.11 -26.34
N THR A 61 25.83 18.18 -25.75
CA THR A 61 26.80 18.08 -24.68
C THR A 61 26.09 17.73 -23.39
N LEU A 62 26.82 17.33 -22.37
CA LEU A 62 26.25 17.03 -21.07
C LEU A 62 25.62 18.29 -20.48
N GLU A 63 26.30 19.40 -20.68
CA GLU A 63 25.83 20.70 -20.19
C GLU A 63 24.51 21.09 -20.85
N SER A 64 24.42 20.85 -22.16
CA SER A 64 23.21 21.14 -22.91
C SER A 64 22.04 20.29 -22.41
N VAL A 65 22.35 19.06 -21.98
CA VAL A 65 21.36 18.17 -21.41
C VAL A 65 20.83 18.71 -20.08
N ARG A 66 21.73 19.11 -19.21
CA ARG A 66 21.36 19.61 -17.89
C ARG A 66 20.52 20.88 -17.99
N LEU A 67 20.90 21.75 -18.92
CA LEU A 67 20.21 23.03 -19.12
C LEU A 67 18.80 22.81 -19.68
N LYS A 68 18.64 21.79 -20.52
CA LYS A 68 17.32 21.43 -21.03
C LYS A 68 16.45 20.88 -19.92
N LEU A 69 17.02 20.02 -19.08
CA LEU A 69 16.31 19.42 -17.98
C LEU A 69 15.88 20.46 -16.94
N GLU A 70 16.65 21.54 -16.84
CA GLU A 70 16.33 22.64 -15.93
C GLU A 70 15.32 23.59 -16.52
N LYS A 71 14.70 23.17 -17.63
CA LYS A 71 13.55 23.87 -18.19
C LYS A 71 12.31 23.02 -17.99
N THR A 72 12.51 21.83 -17.44
CA THR A 72 11.42 20.90 -17.19
C THR A 72 11.14 20.76 -15.69
N ASN A 73 10.36 19.75 -15.33
CA ASN A 73 10.03 19.52 -13.92
C ASN A 73 11.24 19.06 -13.11
N VAL A 74 12.31 18.69 -13.81
CA VAL A 74 13.57 18.27 -13.18
C VAL A 74 14.17 19.43 -12.38
N ARG A 75 13.71 20.64 -12.68
CA ARG A 75 14.02 21.83 -11.89
C ARG A 75 13.95 21.61 -10.39
N TYR A 76 12.99 20.79 -9.95
CA TYR A 76 12.63 20.68 -8.53
C TYR A 76 13.46 19.64 -7.78
N LEU A 77 14.30 18.90 -8.49
CA LEU A 77 15.28 18.04 -7.83
C LEU A 77 16.40 18.90 -7.26
N SER A 78 17.16 18.35 -6.31
CA SER A 78 18.34 19.04 -5.81
C SER A 78 19.39 19.11 -6.93
N PRO A 79 20.37 20.02 -6.80
CA PRO A 79 21.41 20.15 -7.85
C PRO A 79 22.12 18.85 -8.22
N GLU A 80 22.50 18.04 -7.24
CA GLU A 80 23.19 16.78 -7.52
C GLU A 80 22.27 15.85 -8.30
N GLU A 81 20.99 15.84 -7.95
CA GLU A 81 20.01 14.99 -8.60
C GLU A 81 19.75 15.42 -10.03
N ARG A 82 19.81 16.73 -10.28
CA ARG A 82 19.65 17.25 -11.64
C ARG A 82 20.86 16.89 -12.49
N ALA A 83 22.04 17.00 -11.89
CA ALA A 83 23.28 16.62 -12.55
C ALA A 83 23.32 15.12 -12.82
N ASP A 84 22.82 14.33 -11.85
CA ASP A 84 22.82 12.88 -11.95
C ASP A 84 21.90 12.42 -13.07
N LEU A 85 20.68 12.95 -13.09
CA LEU A 85 19.71 12.62 -14.13
C LEU A 85 20.20 13.06 -15.50
N ALA A 86 20.91 14.18 -15.53
CA ALA A 86 21.52 14.68 -16.76
C ALA A 86 22.53 13.67 -17.30
N ARG A 87 23.37 13.15 -16.40
CA ARG A 87 24.36 12.16 -16.77
C ARG A 87 23.71 10.87 -17.28
N LEU A 88 22.74 10.36 -16.51
CA LEU A 88 22.05 9.13 -16.85
C LEU A 88 21.39 9.17 -18.22
N ILE A 89 20.70 10.27 -18.51
CA ILE A 89 20.05 10.46 -19.81
C ILE A 89 21.11 10.62 -20.89
N PHE A 90 22.22 11.27 -20.54
CA PHE A 90 23.32 11.49 -21.46
C PHE A 90 23.97 10.18 -21.89
N GLU A 91 24.17 9.28 -20.93
CA GLU A 91 25.00 8.09 -21.18
C GLU A 91 24.24 6.77 -21.15
N MET A 92 22.93 6.79 -21.36
CA MET A 92 22.17 5.55 -21.43
C MET A 92 22.39 4.88 -22.79
N GLU A 93 22.61 3.57 -22.76
CA GLU A 93 22.92 2.81 -23.98
C GLU A 93 21.82 2.92 -25.04
N ASP A 94 22.21 2.68 -26.30
CA ASP A 94 21.28 2.79 -27.43
C ASP A 94 20.03 1.93 -27.22
N GLU A 95 20.23 0.70 -26.79
CA GLU A 95 19.12 -0.23 -26.58
C GLU A 95 18.17 0.27 -25.49
N ALA A 96 18.75 0.70 -24.37
CA ALA A 96 17.96 1.26 -23.28
C ALA A 96 17.28 2.55 -23.72
N ARG A 97 18.01 3.36 -24.50
CA ARG A 97 17.49 4.63 -24.98
C ARG A 97 16.31 4.40 -25.93
N ASP A 98 16.44 3.40 -26.79
CA ASP A 98 15.38 3.05 -27.73
C ASP A 98 14.09 2.69 -27.00
N ASP A 99 14.23 1.89 -25.94
CA ASP A 99 13.08 1.51 -25.12
C ASP A 99 12.45 2.72 -24.45
N PHE A 100 13.30 3.55 -23.86
CA PHE A 100 12.85 4.72 -23.12
C PHE A 100 12.05 5.67 -24.00
N ILE A 101 12.54 5.89 -25.22
CA ILE A 101 11.91 6.79 -26.17
C ILE A 101 10.62 6.21 -26.74
N LYS A 102 10.59 4.89 -26.91
CA LYS A 102 9.47 4.23 -27.60
C LYS A 102 8.21 4.08 -26.73
N PHE A 103 8.39 3.76 -25.45
CA PHE A 103 7.25 3.41 -24.61
C PHE A 103 6.91 4.47 -23.58
N GLN A 104 5.61 4.63 -23.33
CA GLN A 104 5.12 5.49 -22.26
C GLN A 104 4.98 4.70 -20.96
N PRO A 105 5.11 5.37 -19.81
CA PRO A 105 4.86 4.68 -18.54
C PRO A 105 3.38 4.28 -18.39
N ARG A 106 3.12 3.15 -17.77
CA ARG A 106 1.75 2.74 -17.48
C ARG A 106 1.50 2.86 -15.97
N PHE A 107 0.24 2.97 -15.60
CA PHE A 107 -0.13 3.12 -14.19
C PHE A 107 -1.21 2.13 -13.78
N TRP A 108 -0.94 1.38 -12.72
CA TRP A 108 -1.91 0.42 -12.19
C TRP A 108 -1.86 0.43 -10.67
N THR A 109 -3.02 0.58 -10.05
CA THR A 109 -3.13 0.61 -8.60
C THR A 109 -3.02 -0.79 -8.00
N GLN A 110 -2.21 -0.93 -6.95
CA GLN A 110 -2.14 -2.17 -6.19
C GLN A 110 -2.67 -1.92 -4.79
N GLY A 111 -2.77 -2.97 -3.98
CA GLY A 111 -3.16 -2.80 -2.59
C GLY A 111 -4.64 -2.62 -2.35
N SER A 112 -4.96 -2.06 -1.19
CA SER A 112 -6.33 -2.02 -0.67
C SER A 112 -7.31 -1.20 -1.51
N PHE A 113 -6.79 -0.26 -2.29
CA PHE A 113 -7.65 0.54 -3.15
C PHE A 113 -8.02 -0.25 -4.40
N GLN A 114 -7.31 -1.35 -4.62
CA GLN A 114 -7.54 -2.18 -5.79
C GLN A 114 -8.46 -3.36 -5.48
N TYR A 115 -8.25 -4.01 -4.33
CA TYR A 115 -9.13 -5.11 -3.94
C TYR A 115 -10.07 -4.71 -2.81
N ASP A 116 -10.38 -3.43 -2.72
CA ASP A 116 -11.46 -2.92 -1.87
C ASP A 116 -11.35 -3.30 -0.39
N THR A 117 -10.30 -2.82 0.27
CA THR A 117 -10.17 -2.98 1.72
C THR A 117 -9.62 -1.70 2.36
N LEU A 118 -9.71 -0.60 1.63
CA LEU A 118 -9.23 0.68 2.11
C LEU A 118 -10.15 1.26 3.17
N ASN A 119 -9.60 1.48 4.37
CA ASN A 119 -10.38 2.05 5.46
C ASN A 119 -10.16 3.55 5.60
N ARG A 120 -11.16 4.24 6.13
CA ARG A 120 -10.99 5.63 6.54
C ARG A 120 -9.97 5.70 7.66
N PRO A 121 -9.18 6.78 7.71
CA PRO A 121 -8.21 6.95 8.79
C PRO A 121 -8.89 7.33 10.09
N PHE A 122 -8.23 7.09 11.22
CA PHE A 122 -8.85 7.25 12.53
C PHE A 122 -8.18 8.33 13.36
N HIS A 123 -6.93 8.07 13.76
CA HIS A 123 -6.16 9.04 14.55
C HIS A 123 -5.71 10.21 13.66
N PRO A 124 -5.54 11.40 14.25
CA PRO A 124 -5.26 12.65 13.53
C PRO A 124 -4.19 12.56 12.43
N GLY A 125 -3.12 11.81 12.68
CA GLY A 125 -2.02 11.76 11.73
C GLY A 125 -2.17 10.74 10.62
N GLN A 126 -3.13 9.82 10.77
CA GLN A 126 -3.30 8.74 9.82
C GLN A 126 -3.94 9.21 8.52
N GLU A 127 -3.58 8.55 7.41
CA GLU A 127 -4.02 8.96 6.08
C GLU A 127 -4.50 7.77 5.26
N MET A 128 -5.43 8.02 4.35
CA MET A 128 -5.83 7.00 3.38
C MET A 128 -4.65 6.68 2.46
N ASP A 129 -4.53 5.42 2.07
CA ASP A 129 -3.35 4.98 1.34
C ASP A 129 -3.68 4.47 -0.06
N ILE A 130 -3.10 5.13 -1.06
CA ILE A 130 -3.24 4.71 -2.45
C ILE A 130 -1.90 4.23 -2.99
N ASP A 131 -1.84 2.95 -3.36
CA ASP A 131 -0.62 2.39 -3.92
C ASP A 131 -0.71 2.33 -5.43
N ASP A 132 -0.34 3.42 -6.09
CA ASP A 132 -0.41 3.49 -7.55
C ASP A 132 0.98 3.36 -8.16
N GLY A 133 1.27 2.20 -8.75
CA GLY A 133 2.58 1.94 -9.31
C GLY A 133 2.78 2.49 -10.71
N THR A 134 4.01 2.89 -10.99
CA THR A 134 4.40 3.32 -12.34
C THR A 134 5.19 2.22 -13.03
N TYR A 135 4.72 1.81 -14.21
CA TYR A 135 5.34 0.71 -14.93
C TYR A 135 5.97 1.19 -16.23
N MET A 136 7.24 0.86 -16.44
CA MET A 136 7.92 1.22 -17.68
C MET A 136 8.22 -0.01 -18.53
N PRO A 137 7.56 -0.12 -19.68
CA PRO A 137 7.85 -1.19 -20.66
C PRO A 137 9.26 -1.05 -21.22
N MET A 138 10.02 -2.14 -21.21
CA MET A 138 11.40 -2.10 -21.67
C MET A 138 11.91 -3.50 -21.91
N THR A 139 13.09 -3.60 -22.53
CA THR A 139 13.77 -4.88 -22.61
C THR A 139 14.14 -5.31 -21.19
N VAL A 140 13.72 -6.50 -20.80
CA VAL A 140 14.08 -7.06 -19.50
C VAL A 140 14.87 -8.35 -19.68
N PHE A 141 16.16 -8.28 -19.43
CA PHE A 141 17.03 -9.44 -19.56
C PHE A 141 16.82 -10.41 -18.40
N GLU A 142 17.48 -11.55 -18.45
CA GLU A 142 17.37 -12.57 -17.41
C GLU A 142 17.95 -12.07 -16.10
N SER A 143 18.94 -11.18 -16.21
CA SER A 143 19.64 -10.65 -15.05
C SER A 143 18.97 -9.41 -14.46
N GLU A 144 18.52 -8.51 -15.33
CA GLU A 144 17.98 -7.23 -14.89
C GLU A 144 17.27 -6.47 -16.02
N PRO A 145 16.49 -5.44 -15.67
CA PRO A 145 15.94 -4.53 -16.68
C PRO A 145 17.04 -3.78 -17.42
N SER A 146 16.76 -3.30 -18.63
CA SER A 146 17.77 -2.63 -19.44
C SER A 146 18.01 -1.20 -18.96
N ILE A 147 16.93 -0.49 -18.66
CA ILE A 147 17.01 0.89 -18.19
C ILE A 147 17.39 0.94 -16.71
N GLY A 148 18.36 1.79 -16.38
CA GLY A 148 18.85 1.92 -15.01
C GLY A 148 17.77 2.27 -14.01
N HIS A 149 17.88 1.73 -12.81
CA HIS A 149 16.87 1.93 -11.77
C HIS A 149 16.90 3.35 -11.22
N THR A 150 18.08 3.94 -11.15
CA THR A 150 18.24 5.29 -10.62
C THR A 150 17.51 6.31 -11.49
N LEU A 151 17.62 6.14 -12.80
CA LEU A 151 16.97 7.02 -13.76
C LEU A 151 15.47 7.06 -13.52
N LEU A 152 14.85 5.89 -13.50
CA LEU A 152 13.41 5.76 -13.32
C LEU A 152 12.96 6.29 -11.96
N LEU A 153 13.78 6.04 -10.95
CA LEU A 153 13.49 6.50 -9.59
C LEU A 153 13.56 8.02 -9.49
N LEU A 154 14.52 8.61 -10.20
CA LEU A 154 14.67 10.06 -10.22
C LEU A 154 13.53 10.74 -10.97
N LEU A 155 12.93 10.01 -11.91
CA LEU A 155 11.79 10.53 -12.67
C LEU A 155 10.53 10.51 -11.80
N VAL A 156 10.42 9.51 -10.94
CA VAL A 156 9.33 9.45 -9.99
C VAL A 156 9.48 10.56 -8.96
N ASP A 157 10.70 10.72 -8.46
CA ASP A 157 11.01 11.78 -7.51
C ASP A 157 10.72 13.14 -8.10
N THR A 158 11.08 13.32 -9.37
CA THR A 158 10.81 14.56 -10.10
C THR A 158 9.32 14.90 -10.08
N SER A 159 8.49 13.89 -10.36
CA SER A 159 7.05 14.07 -10.39
C SER A 159 6.48 14.52 -9.04
N LEU A 160 6.84 13.80 -7.98
CA LEU A 160 6.28 14.06 -6.66
C LEU A 160 6.85 15.34 -6.03
N LYS A 161 8.13 15.61 -6.28
CA LYS A 161 8.76 16.82 -5.77
C LYS A 161 8.26 18.06 -6.49
N SER A 162 7.84 17.90 -7.74
CA SER A 162 7.26 19.00 -8.49
C SER A 162 5.87 19.32 -7.95
N LEU A 163 5.16 18.28 -7.54
CA LEU A 163 3.85 18.43 -6.92
C LEU A 163 3.98 19.06 -5.53
N GLU A 164 5.03 18.65 -4.81
CA GLU A 164 5.33 19.22 -3.50
C GLU A 164 5.61 20.71 -3.59
N ALA A 165 6.47 21.08 -4.53
CA ALA A 165 6.91 22.47 -4.68
C ALA A 165 5.78 23.39 -5.14
N GLU A 166 4.89 22.86 -5.97
CA GLU A 166 3.84 23.67 -6.56
C GLU A 166 2.56 23.70 -5.73
N ASN A 167 2.46 22.84 -4.73
CA ASN A 167 1.24 22.77 -3.92
C ASN A 167 1.53 22.78 -2.43
N ASP A 168 0.76 23.59 -1.70
CA ASP A 168 0.84 23.61 -0.23
C ASP A 168 0.08 22.42 0.34
N GLY A 169 0.65 21.77 1.34
CA GLY A 169 0.02 20.61 1.94
C GLY A 169 0.49 19.32 1.29
N TRP A 170 1.19 19.46 0.17
CA TRP A 170 1.75 18.33 -0.55
C TRP A 170 3.21 18.14 -0.16
N VAL A 171 3.52 17.03 0.52
CA VAL A 171 4.87 16.79 1.02
C VAL A 171 5.44 15.47 0.53
N PHE A 172 6.64 15.52 -0.06
CA PHE A 172 7.30 14.33 -0.56
C PHE A 172 8.01 13.55 0.55
N GLU A 173 7.89 12.24 0.51
CA GLU A 173 8.58 11.37 1.46
C GLU A 173 9.16 10.15 0.74
N GLU A 174 10.42 9.84 1.01
CA GLU A 174 11.05 8.68 0.39
C GLU A 174 10.93 7.46 1.28
N LYS A 175 10.35 6.40 0.74
CA LYS A 175 10.25 5.13 1.45
C LYS A 175 11.28 4.17 0.87
N ASN A 176 11.32 2.94 1.39
CA ASN A 176 12.28 1.96 0.92
C ASN A 176 11.91 1.38 -0.45
N THR A 177 10.61 1.28 -0.72
CA THR A 177 10.14 0.63 -1.93
C THR A 177 9.37 1.55 -2.85
N CYS A 178 9.26 2.83 -2.47
CA CYS A 178 8.49 3.78 -3.26
C CYS A 178 8.75 5.24 -2.88
N GLY A 179 8.31 6.14 -3.74
CA GLY A 179 8.23 7.54 -3.40
C GLY A 179 6.81 7.85 -2.97
N ARG A 180 6.67 8.63 -1.91
CA ARG A 180 5.35 8.93 -1.37
C ARG A 180 5.08 10.43 -1.39
N ILE A 181 3.91 10.81 -1.89
CA ILE A 181 3.46 12.18 -1.79
C ILE A 181 2.30 12.26 -0.79
N LYS A 182 2.46 13.10 0.23
CA LYS A 182 1.45 13.23 1.27
C LYS A 182 0.60 14.47 1.02
N ILE A 183 -0.71 14.28 0.96
CA ILE A 183 -1.64 15.39 0.74
C ILE A 183 -2.44 15.65 2.01
N TYR A 184 -1.92 16.58 2.83
CA TYR A 184 -2.46 16.84 4.17
C TYR A 184 -3.94 17.21 4.18
N ARG A 185 -4.32 18.15 3.31
CA ARG A 185 -5.69 18.65 3.27
C ARG A 185 -6.70 17.55 2.95
N GLU A 186 -6.24 16.47 2.31
CA GLU A 186 -7.14 15.40 1.92
C GLU A 186 -6.93 14.14 2.77
N LYS A 187 -6.05 14.24 3.76
CA LYS A 187 -5.69 13.11 4.62
C LYS A 187 -5.38 11.88 3.77
N THR A 188 -4.61 12.09 2.72
CA THR A 188 -4.29 11.04 1.76
C THR A 188 -2.81 11.11 1.40
N HIS A 189 -2.17 9.95 1.27
CA HIS A 189 -0.86 9.91 0.64
C HIS A 189 -0.86 8.85 -0.46
N ILE A 190 -0.05 9.07 -1.48
CA ILE A 190 0.00 8.17 -2.62
C ILE A 190 1.39 7.55 -2.74
N ASP A 191 1.46 6.24 -2.61
CA ASP A 191 2.71 5.52 -2.80
C ASP A 191 2.93 5.19 -4.27
N VAL A 192 4.13 5.48 -4.76
CA VAL A 192 4.47 5.24 -6.16
C VAL A 192 5.66 4.29 -6.29
N PRO A 193 5.39 2.99 -6.20
CA PRO A 193 6.45 2.02 -6.51
C PRO A 193 6.76 2.06 -8.00
N MET A 194 8.04 1.94 -8.35
CA MET A 194 8.44 2.00 -9.75
C MET A 194 8.78 0.62 -10.28
N TYR A 195 8.13 0.23 -11.38
CA TYR A 195 8.32 -1.10 -11.94
C TYR A 195 8.91 -1.09 -13.34
N ALA A 196 9.70 -2.12 -13.63
CA ALA A 196 10.13 -2.40 -15.00
C ALA A 196 9.48 -3.70 -15.46
N ILE A 197 8.92 -3.68 -16.66
CA ILE A 197 8.22 -4.84 -17.22
C ILE A 197 8.59 -5.04 -18.69
N PRO A 198 8.52 -6.29 -19.19
CA PRO A 198 8.83 -6.58 -20.58
C PRO A 198 7.96 -5.80 -21.55
N LYS A 199 8.50 -5.50 -22.72
CA LYS A 199 7.83 -4.67 -23.71
C LYS A 199 7.10 -5.49 -24.77
N GLU A 200 7.23 -6.81 -24.68
CA GLU A 200 6.68 -7.73 -25.68
C GLU A 200 5.15 -7.70 -25.72
N VAL A 236 1.52 -9.94 -18.90
CA VAL A 236 2.85 -9.74 -18.33
C VAL A 236 3.21 -10.86 -17.37
N GLU A 237 4.31 -11.56 -17.66
CA GLU A 237 4.78 -12.61 -16.77
C GLU A 237 5.29 -12.03 -15.46
N SER A 238 4.76 -12.54 -14.35
CA SER A 238 5.07 -12.01 -13.02
C SER A 238 6.55 -12.17 -12.65
N ASP A 239 7.23 -13.10 -13.31
CA ASP A 239 8.63 -13.35 -13.04
C ASP A 239 9.54 -12.29 -13.64
N LYS A 240 8.92 -11.31 -14.29
CA LYS A 240 9.68 -10.26 -14.95
C LYS A 240 9.23 -8.87 -14.50
N VAL A 241 8.30 -8.83 -13.55
CA VAL A 241 7.85 -7.57 -12.96
C VAL A 241 8.85 -7.13 -11.89
N ASN A 242 9.77 -6.25 -12.29
CA ASN A 242 10.85 -5.82 -11.42
C ASN A 242 10.55 -4.53 -10.66
N LEU A 243 10.65 -4.59 -9.33
CA LEU A 243 10.48 -3.41 -8.49
C LEU A 243 11.81 -2.71 -8.26
N ALA A 244 11.85 -1.41 -8.52
CA ALA A 244 13.06 -0.63 -8.29
C ALA A 244 13.17 -0.25 -6.81
N LEU A 245 14.27 -0.65 -6.18
CA LEU A 245 14.48 -0.41 -4.75
C LEU A 245 15.25 0.88 -4.50
N ARG A 246 14.93 1.54 -3.39
CA ARG A 246 15.48 2.86 -3.10
C ARG A 246 16.51 2.83 -1.98
N GLU A 247 16.44 1.80 -1.14
CA GLU A 247 17.38 1.65 -0.02
C GLU A 247 18.02 0.27 -0.04
N GLY A 248 19.22 0.17 0.54
CA GLY A 248 19.93 -1.09 0.59
C GLY A 248 20.95 -1.22 -0.53
N VAL A 249 21.32 -2.45 -0.85
CA VAL A 249 22.35 -2.71 -1.85
C VAL A 249 21.80 -3.41 -3.09
N ARG A 250 20.55 -3.84 -3.01
CA ARG A 250 19.89 -4.47 -4.15
C ARG A 250 19.15 -3.42 -4.96
N ARG A 251 19.39 -3.41 -6.27
CA ARG A 251 18.79 -2.42 -7.16
C ARG A 251 17.36 -2.81 -7.55
N TRP A 252 17.19 -4.06 -7.95
CA TRP A 252 15.89 -4.55 -8.38
C TRP A 252 15.41 -5.71 -7.52
N SER A 253 14.09 -5.86 -7.43
CA SER A 253 13.48 -7.01 -6.78
C SER A 253 12.27 -7.47 -7.59
N VAL A 254 12.28 -8.73 -8.00
CA VAL A 254 11.14 -9.30 -8.71
C VAL A 254 9.97 -9.44 -7.75
N SER A 255 8.96 -8.59 -7.93
CA SER A 255 7.80 -8.58 -7.05
C SER A 255 6.56 -8.06 -7.77
N ASP A 256 5.76 -8.98 -8.30
CA ASP A 256 4.53 -8.61 -8.98
C ASP A 256 3.40 -8.48 -7.97
N PRO A 257 2.87 -7.26 -7.78
CA PRO A 257 1.76 -7.01 -6.87
C PRO A 257 0.48 -7.76 -7.27
N LYS A 258 0.37 -8.09 -8.55
CA LYS A 258 -0.75 -8.84 -9.08
C LYS A 258 -0.90 -10.19 -8.38
N ILE A 259 0.21 -10.75 -7.93
CA ILE A 259 0.21 -12.04 -7.22
C ILE A 259 -0.55 -11.96 -5.90
N VAL A 260 -0.30 -10.91 -5.12
CA VAL A 260 -1.03 -10.70 -3.87
C VAL A 260 -2.49 -10.37 -4.15
N GLU A 261 -2.72 -9.58 -5.20
CA GLU A 261 -4.08 -9.23 -5.60
C GLU A 261 -4.87 -10.48 -6.00
N ASP A 262 -4.27 -11.31 -6.85
CA ASP A 262 -4.90 -12.56 -7.29
C ASP A 262 -5.14 -13.49 -6.11
N TRP A 263 -4.16 -13.58 -5.22
CA TRP A 263 -4.26 -14.45 -4.06
C TRP A 263 -5.40 -14.04 -3.12
N PHE A 264 -5.53 -12.74 -2.89
CA PHE A 264 -6.54 -12.24 -1.97
C PHE A 264 -7.94 -12.36 -2.57
N ASN A 265 -8.08 -12.04 -3.85
CA ASN A 265 -9.36 -12.15 -4.54
C ASN A 265 -9.83 -13.60 -4.58
N GLU A 266 -8.90 -14.52 -4.80
CA GLU A 266 -9.21 -15.94 -4.81
C GLU A 266 -9.61 -16.40 -3.40
N SER A 267 -8.98 -15.82 -2.40
CA SER A 267 -9.27 -16.13 -1.00
C SER A 267 -10.69 -15.69 -0.63
N CYS A 268 -11.08 -14.51 -1.11
CA CYS A 268 -12.43 -14.00 -0.90
C CYS A 268 -13.45 -14.94 -1.53
N LYS A 269 -13.13 -15.46 -2.71
CA LYS A 269 -13.98 -16.43 -3.38
C LYS A 269 -14.08 -17.71 -2.57
N ARG A 270 -12.93 -18.16 -2.06
CA ARG A 270 -12.83 -19.42 -1.36
C ARG A 270 -13.48 -19.37 0.01
N ILE A 271 -13.17 -18.34 0.79
CA ILE A 271 -13.66 -18.22 2.15
C ILE A 271 -15.06 -17.59 2.21
N GLY A 272 -15.25 -16.55 1.41
CA GLY A 272 -16.52 -15.84 1.41
C GLY A 272 -16.33 -14.35 1.50
N GLY A 273 -17.38 -13.60 1.17
CA GLY A 273 -17.32 -12.16 1.14
C GLY A 273 -16.99 -11.52 2.48
N HIS A 274 -17.22 -12.26 3.56
CA HIS A 274 -16.98 -11.75 4.91
C HIS A 274 -15.49 -11.58 5.21
N LEU A 275 -14.65 -12.11 4.33
CA LEU A 275 -13.20 -11.99 4.47
C LEU A 275 -12.75 -10.54 4.40
N ARG A 276 -13.33 -9.78 3.47
CA ARG A 276 -13.01 -8.37 3.35
C ARG A 276 -13.44 -7.62 4.60
N SER A 277 -14.59 -7.99 5.13
CA SER A 277 -15.12 -7.36 6.33
C SER A 277 -14.19 -7.57 7.52
N VAL A 278 -13.83 -8.83 7.77
CA VAL A 278 -12.97 -9.15 8.92
C VAL A 278 -11.55 -8.63 8.73
N CYS A 279 -11.12 -8.45 7.48
CA CYS A 279 -9.82 -7.88 7.20
C CYS A 279 -9.86 -6.37 7.43
N ARG A 280 -10.97 -5.75 7.03
CA ARG A 280 -11.20 -4.33 7.30
C ARG A 280 -11.19 -4.06 8.80
N PHE A 281 -11.89 -4.92 9.55
CA PHE A 281 -12.03 -4.76 10.99
C PHE A 281 -10.68 -4.91 11.71
N MET A 282 -9.87 -5.86 11.25
CA MET A 282 -8.56 -6.09 11.86
C MET A 282 -7.62 -4.92 11.56
N LYS A 283 -7.74 -4.36 10.37
CA LYS A 283 -6.94 -3.20 9.99
C LYS A 283 -7.39 -1.98 10.79
N ALA A 284 -8.69 -1.90 11.06
CA ALA A 284 -9.24 -0.85 11.90
C ALA A 284 -8.71 -0.98 13.32
N TRP A 285 -8.64 -2.22 13.81
CA TRP A 285 -8.07 -2.50 15.11
C TRP A 285 -6.60 -2.06 15.17
N ARG A 286 -5.87 -2.35 14.10
CA ARG A 286 -4.47 -1.95 14.01
C ARG A 286 -4.32 -0.44 14.04
N ASP A 287 -5.18 0.24 13.28
CA ASP A 287 -5.14 1.70 13.20
C ASP A 287 -5.51 2.34 14.53
N ALA A 288 -6.33 1.64 15.31
CA ALA A 288 -6.75 2.13 16.62
C ALA A 288 -5.65 1.96 17.66
N GLN A 289 -4.95 0.83 17.60
CA GLN A 289 -3.90 0.54 18.57
C GLN A 289 -2.60 1.27 18.21
N TRP A 290 -2.34 1.42 16.91
CA TRP A 290 -1.16 2.12 16.43
C TRP A 290 -1.53 3.37 15.65
N GLU A 291 -1.10 4.55 16.12
CA GLU A 291 -1.19 5.74 15.30
C GLU A 291 -0.27 5.56 14.11
N VAL A 292 0.93 5.07 14.39
CA VAL A 292 1.89 4.74 13.35
C VAL A 292 2.51 3.39 13.66
N GLY A 293 2.83 2.61 12.63
CA GLY A 293 3.46 1.32 12.81
C GLY A 293 2.46 0.20 13.03
N GLY A 294 2.90 -0.85 13.71
CA GLY A 294 2.09 -2.03 13.91
C GLY A 294 2.26 -3.00 12.75
N PRO A 295 1.60 -4.16 12.82
CA PRO A 295 1.73 -5.17 11.76
C PRO A 295 1.19 -4.66 10.42
N SER A 296 1.87 -5.01 9.34
CA SER A 296 1.46 -4.59 8.00
C SER A 296 0.09 -5.16 7.64
N SER A 297 -0.59 -4.50 6.71
CA SER A 297 -1.88 -4.96 6.22
C SER A 297 -1.78 -6.35 5.60
N ILE A 298 -0.69 -6.59 4.88
CA ILE A 298 -0.51 -7.85 4.17
C ILE A 298 -0.36 -9.03 5.13
N SER A 299 0.33 -8.81 6.25
CA SER A 299 0.55 -9.87 7.22
C SER A 299 -0.74 -10.16 7.97
N LEU A 300 -1.53 -9.13 8.21
CA LEU A 300 -2.84 -9.27 8.84
C LEU A 300 -3.77 -10.06 7.94
N MET A 301 -3.80 -9.70 6.66
CA MET A 301 -4.62 -10.39 5.68
C MET A 301 -4.26 -11.88 5.57
N THR A 302 -2.96 -12.16 5.49
CA THR A 302 -2.47 -13.52 5.32
C THR A 302 -2.77 -14.38 6.55
N ALA A 303 -2.65 -13.78 7.73
CA ALA A 303 -2.94 -14.49 8.96
C ALA A 303 -4.42 -14.84 9.06
N VAL A 304 -5.28 -13.91 8.63
CA VAL A 304 -6.72 -14.09 8.72
C VAL A 304 -7.21 -15.20 7.78
N VAL A 305 -6.72 -15.19 6.54
CA VAL A 305 -7.14 -16.20 5.58
C VAL A 305 -6.61 -17.58 6.00
N ASN A 306 -5.47 -17.60 6.68
CA ASN A 306 -4.89 -18.85 7.15
C ASN A 306 -5.77 -19.46 8.23
N ILE A 307 -6.29 -18.60 9.09
CA ILE A 307 -7.21 -19.01 10.13
C ILE A 307 -8.54 -19.45 9.54
N LEU A 308 -9.11 -18.61 8.68
CA LEU A 308 -10.42 -18.87 8.11
C LEU A 308 -10.41 -20.04 7.13
N ASP A 309 -9.24 -20.39 6.62
CA ASP A 309 -9.10 -21.56 5.76
C ASP A 309 -9.06 -22.83 6.60
N ARG A 310 -8.43 -22.72 7.78
CA ARG A 310 -8.20 -23.88 8.62
C ARG A 310 -9.38 -24.20 9.55
N GLU A 311 -10.03 -23.16 10.05
CA GLU A 311 -11.04 -23.32 11.08
C GLU A 311 -12.45 -23.13 10.54
N SER A 312 -13.35 -24.04 10.91
CA SER A 312 -14.75 -23.93 10.52
C SER A 312 -15.41 -22.74 11.24
N HIS A 313 -16.20 -21.96 10.51
CA HIS A 313 -16.86 -20.80 11.10
C HIS A 313 -18.14 -20.45 10.34
N ASN A 314 -18.88 -19.49 10.90
CA ASN A 314 -20.05 -18.94 10.23
C ASN A 314 -19.76 -17.52 9.78
N GLY A 315 -19.56 -17.35 8.47
CA GLY A 315 -19.26 -16.04 7.90
C GLY A 315 -20.31 -15.00 8.22
N SER A 316 -21.57 -15.43 8.27
CA SER A 316 -22.67 -14.53 8.57
C SER A 316 -22.58 -14.03 10.01
N ASP A 317 -21.98 -14.85 10.87
CA ASP A 317 -21.80 -14.48 12.27
C ASP A 317 -20.46 -13.78 12.47
N LEU A 318 -20.45 -12.46 12.29
CA LEU A 318 -19.23 -11.66 12.41
C LEU A 318 -18.74 -11.57 13.85
N THR A 319 -19.66 -11.65 14.80
CA THR A 319 -19.31 -11.61 16.21
C THR A 319 -18.46 -12.81 16.60
N GLY A 320 -18.97 -14.00 16.31
CA GLY A 320 -18.26 -15.23 16.57
C GLY A 320 -16.98 -15.34 15.75
N THR A 321 -17.06 -14.97 14.48
CA THR A 321 -15.92 -15.05 13.58
C THR A 321 -14.75 -14.15 14.03
N MET A 322 -15.07 -12.93 14.43
CA MET A 322 -14.05 -12.00 14.93
C MET A 322 -13.43 -12.52 16.21
N LYS A 323 -14.24 -13.17 17.04
CA LYS A 323 -13.76 -13.77 18.28
C LYS A 323 -12.83 -14.94 17.98
N LEU A 324 -13.17 -15.71 16.95
CA LEU A 324 -12.32 -16.81 16.51
C LEU A 324 -10.97 -16.29 16.02
N ILE A 325 -11.03 -15.24 15.21
CA ILE A 325 -9.82 -14.62 14.66
C ILE A 325 -8.93 -14.04 15.76
N ALA A 326 -9.54 -13.31 16.69
CA ALA A 326 -8.80 -12.67 17.78
C ALA A 326 -8.08 -13.70 18.65
N ARG A 327 -8.75 -14.80 18.92
CA ARG A 327 -8.19 -15.87 19.76
C ARG A 327 -6.94 -16.49 19.13
N LEU A 328 -6.99 -16.72 17.82
CA LEU A 328 -5.96 -17.48 17.13
C LEU A 328 -4.89 -16.62 16.46
N LEU A 329 -5.18 -15.33 16.32
CA LEU A 329 -4.25 -14.41 15.66
C LEU A 329 -2.84 -14.38 16.26
N PRO A 330 -2.72 -14.35 17.60
CA PRO A 330 -1.35 -14.32 18.14
C PRO A 330 -0.56 -15.59 17.83
N GLU A 331 -1.25 -16.72 17.73
CA GLU A 331 -0.57 -17.99 17.46
C GLU A 331 -0.14 -18.08 16.00
N GLU A 332 -0.87 -17.41 15.12
CA GLU A 332 -0.50 -17.34 13.72
C GLU A 332 0.84 -16.63 13.56
N PHE A 333 0.98 -15.50 14.25
CA PHE A 333 2.21 -14.73 14.18
C PHE A 333 3.33 -15.38 14.99
N ASN A 334 2.96 -16.24 15.94
CA ASN A 334 3.94 -17.04 16.66
C ASN A 334 4.46 -18.17 15.80
N ARG A 335 3.61 -18.68 14.92
CA ARG A 335 4.00 -19.71 13.96
C ARG A 335 4.84 -19.11 12.85
N GLY A 336 4.70 -17.80 12.65
CA GLY A 336 5.32 -17.12 11.53
C GLY A 336 4.34 -17.01 10.39
N VAL A 337 4.30 -15.85 9.75
CA VAL A 337 3.40 -15.63 8.63
C VAL A 337 4.17 -15.55 7.32
N GLU A 338 4.06 -16.60 6.52
CA GLU A 338 4.75 -16.66 5.24
C GLU A 338 4.02 -15.81 4.19
N SER A 339 4.78 -15.24 3.27
CA SER A 339 4.19 -14.42 2.22
C SER A 339 3.37 -15.26 1.25
N PRO A 340 2.19 -14.74 0.86
CA PRO A 340 1.38 -15.39 -0.17
C PRO A 340 2.07 -15.38 -1.53
N ASP A 341 3.13 -14.57 -1.63
CA ASP A 341 4.01 -14.58 -2.79
C ASP A 341 5.24 -15.41 -2.46
N ASP A 342 5.31 -16.61 -3.04
CA ASP A 342 6.37 -17.56 -2.72
C ASP A 342 7.74 -17.14 -3.26
N THR A 343 7.77 -16.11 -4.10
CA THR A 343 9.02 -15.60 -4.64
C THR A 343 9.80 -14.86 -3.56
N ASP A 344 9.08 -14.27 -2.61
CA ASP A 344 9.70 -13.58 -1.49
C ASP A 344 10.65 -14.52 -0.72
N GLU A 345 11.81 -14.00 -0.35
CA GLU A 345 12.80 -14.79 0.38
C GLU A 345 12.53 -14.80 1.87
N LYS A 346 11.98 -13.71 2.38
CA LYS A 346 11.70 -13.60 3.81
C LYS A 346 10.20 -13.67 4.08
N PRO A 347 9.82 -14.23 5.23
CA PRO A 347 8.39 -14.27 5.58
C PRO A 347 7.87 -12.88 5.94
N LEU A 348 6.55 -12.72 5.95
CA LEU A 348 5.95 -11.44 6.34
C LEU A 348 6.20 -11.19 7.82
N PHE A 349 6.28 -12.27 8.59
CA PHE A 349 6.47 -12.21 10.03
C PHE A 349 7.18 -13.48 10.48
N PRO A 350 8.32 -13.33 11.19
CA PRO A 350 9.14 -14.49 11.56
C PRO A 350 8.44 -15.42 12.56
N ALA A 351 8.91 -16.66 12.66
CA ALA A 351 8.46 -17.57 13.70
C ALA A 351 8.90 -17.04 15.06
N GLU A 352 8.25 -17.51 16.12
CA GLU A 352 8.46 -16.98 17.46
C GLU A 352 9.92 -17.00 17.90
N SER A 353 10.64 -18.05 17.53
CA SER A 353 12.03 -18.22 17.92
C SER A 353 12.93 -17.17 17.26
N ASN A 354 12.40 -16.50 16.24
CA ASN A 354 13.13 -15.46 15.52
C ASN A 354 12.58 -14.07 15.80
N HIS A 355 11.57 -13.99 16.67
CA HIS A 355 10.96 -12.71 17.04
C HIS A 355 11.95 -11.83 17.80
N ASN A 356 12.10 -10.59 17.38
CA ASN A 356 12.79 -9.62 18.21
C ASN A 356 11.77 -8.91 19.10
N VAL A 357 12.23 -7.95 19.90
CA VAL A 357 11.36 -7.33 20.88
C VAL A 357 10.21 -6.55 20.22
N HIS A 358 10.44 -6.07 19.00
CA HIS A 358 9.42 -5.32 18.27
C HIS A 358 8.31 -6.25 17.81
N HIS A 359 8.68 -7.47 17.45
CA HIS A 359 7.71 -8.49 17.08
C HIS A 359 6.84 -8.87 18.26
N ARG A 360 7.47 -9.03 19.42
CA ARG A 360 6.77 -9.41 20.64
C ARG A 360 5.74 -8.36 21.06
N ALA A 361 6.10 -7.10 20.90
CA ALA A 361 5.21 -5.99 21.22
C ALA A 361 3.92 -6.10 20.42
N ILE A 362 4.06 -6.49 19.15
CA ILE A 362 2.93 -6.69 18.27
C ILE A 362 2.05 -7.86 18.73
N VAL A 363 2.69 -8.98 19.02
CA VAL A 363 1.99 -10.20 19.42
C VAL A 363 1.26 -10.02 20.75
N GLU A 364 1.92 -9.34 21.70
CA GLU A 364 1.33 -9.12 23.01
C GLU A 364 0.17 -8.13 22.91
N THR A 365 0.21 -7.25 21.92
CA THR A 365 -0.90 -6.35 21.64
C THR A 365 -2.07 -7.14 21.06
N MET A 366 -1.73 -8.09 20.18
CA MET A 366 -2.72 -8.96 19.56
C MET A 366 -3.46 -9.81 20.60
N GLU A 367 -2.71 -10.29 21.59
CA GLU A 367 -3.28 -11.12 22.64
C GLU A 367 -4.32 -10.35 23.45
N GLY A 368 -4.21 -9.03 23.46
CA GLY A 368 -5.14 -8.21 24.21
C GLY A 368 -6.51 -8.11 23.57
N LEU A 369 -6.58 -8.35 22.26
CA LEU A 369 -7.83 -8.19 21.52
C LEU A 369 -8.94 -9.14 21.96
N TYR A 370 -8.61 -10.42 22.09
CA TYR A 370 -9.61 -11.45 22.43
C TYR A 370 -10.31 -11.15 23.75
N GLY A 371 -9.57 -10.58 24.69
CA GLY A 371 -10.12 -10.24 25.99
C GLY A 371 -11.10 -9.09 25.92
N ILE A 372 -10.83 -8.15 25.02
CA ILE A 372 -11.69 -6.99 24.84
C ILE A 372 -13.04 -7.39 24.25
N LEU A 373 -13.01 -8.27 23.25
CA LEU A 373 -14.23 -8.72 22.58
C LEU A 373 -15.14 -9.52 23.49
N LEU A 374 -14.56 -10.17 24.50
CA LEU A 374 -15.33 -11.00 25.42
C LEU A 374 -15.86 -10.20 26.60
N ALA A 375 -15.11 -9.19 27.01
CA ALA A 375 -15.54 -8.30 28.09
C ALA A 375 -16.74 -7.49 27.61
N ALA A 376 -16.66 -7.05 26.36
CA ALA A 376 -17.75 -6.32 25.73
C ALA A 376 -19.00 -7.19 25.66
N GLU A 377 -18.81 -8.43 25.20
CA GLU A 377 -19.88 -9.41 25.10
C GLU A 377 -20.57 -9.65 26.43
N GLN A 378 -19.81 -9.58 27.52
CA GLN A 378 -20.32 -9.88 28.84
C GLN A 378 -20.52 -8.62 29.70
N SER A 379 -20.42 -7.46 29.08
CA SER A 379 -20.72 -6.20 29.76
C SER A 379 -22.17 -6.20 30.23
N GLU A 380 -22.39 -5.66 31.43
CA GLU A 380 -23.71 -5.68 32.03
C GLU A 380 -24.69 -4.75 31.33
N SER A 381 -24.21 -3.60 30.89
CA SER A 381 -25.06 -2.64 30.19
C SER A 381 -24.68 -2.52 28.72
N ARG A 382 -25.60 -1.98 27.94
CA ARG A 382 -25.43 -1.85 26.49
C ARG A 382 -24.42 -0.77 26.13
N GLU A 383 -24.45 0.34 26.86
CA GLU A 383 -23.51 1.43 26.61
C GLU A 383 -22.11 1.01 27.04
N GLU A 384 -22.05 0.11 28.03
CA GLU A 384 -20.77 -0.39 28.52
C GLU A 384 -20.13 -1.32 27.50
N ALA A 385 -20.97 -2.08 26.80
CA ALA A 385 -20.50 -2.98 25.76
C ALA A 385 -19.87 -2.21 24.62
N LEU A 386 -20.49 -1.10 24.24
CA LEU A 386 -20.01 -0.27 23.14
C LEU A 386 -18.66 0.34 23.46
N ARG A 387 -18.56 0.97 24.62
CA ARG A 387 -17.31 1.58 25.08
C ARG A 387 -16.18 0.56 25.18
N LYS A 388 -16.53 -0.69 25.48
CA LYS A 388 -15.54 -1.72 25.67
C LYS A 388 -14.98 -2.22 24.34
N ILE A 389 -15.87 -2.56 23.42
CA ILE A 389 -15.46 -3.05 22.11
C ILE A 389 -14.82 -1.95 21.28
N ASN A 390 -15.13 -0.70 21.63
CA ASN A 390 -14.52 0.45 20.97
C ASN A 390 -13.11 0.73 21.48
N GLU A 391 -12.68 -0.05 22.48
CA GLU A 391 -11.29 0.02 22.91
C GLU A 391 -10.44 -0.75 21.92
N ALA A 392 -11.08 -1.64 21.16
CA ALA A 392 -10.41 -2.45 20.17
C ALA A 392 -10.38 -1.77 18.80
N PHE A 393 -11.51 -1.23 18.38
CA PHE A 393 -11.64 -0.67 17.04
C PHE A 393 -11.67 0.85 17.03
N GLY A 394 -11.57 1.45 18.21
CA GLY A 394 -11.62 2.90 18.32
C GLY A 394 -13.05 3.38 18.36
N LYS A 395 -13.26 4.60 18.84
CA LYS A 395 -14.59 5.20 18.88
C LYS A 395 -15.00 5.64 17.48
N ARG A 396 -15.67 4.75 16.76
CA ARG A 396 -16.15 5.04 15.42
C ARG A 396 -17.66 4.83 15.38
N VAL A 397 -18.08 3.64 15.76
CA VAL A 397 -19.50 3.37 15.99
C VAL A 397 -19.89 3.95 17.34
N THR A 398 -20.95 4.75 17.35
CA THR A 398 -21.35 5.45 18.55
C THR A 398 -22.77 5.08 18.96
N ASN A 399 -23.44 4.34 18.10
CA ASN A 399 -24.82 3.93 18.34
C ASN A 399 -24.90 2.62 19.12
N ALA A 400 -25.09 2.74 20.44
CA ALA A 400 -25.17 1.58 21.32
C ALA A 400 -26.39 0.73 21.01
N LEU A 401 -27.40 1.34 20.39
CA LEU A 401 -28.65 0.63 20.07
C LEU A 401 -28.45 -0.45 19.01
N LEU A 402 -27.28 -0.47 18.39
CA LEU A 402 -26.95 -1.50 17.41
C LEU A 402 -26.64 -2.81 18.13
N ILE A 403 -26.18 -2.71 19.37
CA ILE A 403 -25.85 -3.88 20.18
C ILE A 403 -27.13 -4.57 20.65
N THR A 404 -27.28 -5.84 20.31
CA THR A 404 -28.49 -6.57 20.68
C THR A 404 -28.17 -7.82 21.49
N SER A 405 -29.08 -8.17 22.39
CA SER A 405 -28.90 -9.35 23.24
C SER A 405 -28.91 -10.62 22.39
N SER A 406 -27.97 -11.52 22.69
CA SER A 406 -27.87 -12.78 21.96
C SER A 406 -28.88 -13.80 22.44
#